data_5FI1
#
_entry.id   5FI1
#
_cell.length_a   67.310
_cell.length_b   95.906
_cell.length_c   277.131
_cell.angle_alpha   90.000
_cell.angle_beta   90.000
_cell.angle_gamma   90.000
#
_symmetry.space_group_name_H-M   'C 2 2 21'
#
loop_
_entity.id
_entity.type
_entity.pdbx_description
1 polymer 'Phosphatidylinositol 3,4,5-trisphosphate-dependent Rac exchanger 1 protein,Phosphatidylinositol 3,4,5-trisphosphate-dependent Rac exchanger 1 protein'
2 polymer 'Cell division control protein 42 homolog'
#
loop_
_entity_poly.entity_id
_entity_poly.type
_entity_poly.pdbx_seq_one_letter_code
_entity_poly.pdbx_strand_id
1 'polypeptide(L)'
;GEFAAARESERQLRLRLCVLNEILGTERDYVGTLRFLQSAFLHRIRQNVADSVEKGLTEENVKVLFSNIEDILEVHKDFL
AALEYCLHPEPQSQHELGNVFLKFKDKFCVYEEYCSNHEKALRLLVELNKIPTVRAFLLSCMLLGGRKTTDIPLEGYLLS
PIQRICKYPLLLKELAKRTPGKHPDHPAVQSALQAMKTVCSNINETKRQMEKLEALEQLQSHIEGWEGSNLTDICTQLLL
QGTLLKISAGNIQERAFFLFDNLLVYCKRKSRVTGSKKSTKRTKSINGSLYIFRGRINTEVMEVENVEDGTADYHSNGYT
VTNGWKIHNTAKNKWFVCMAKTAEEKQKWLDAIIREREQRESLKLGMERDAYVM
;
A
2 'polypeptide(L)'
;GEFMQTIKCVVVGDGAVGKTCLLISYTTNKFPSEYVPTVFDNYAVTVMIGGEPYTLGLFDTAGQEDYDRLRPLSYPQTDV
FLVCFSVVSPSSFENVKEKWVPEITHHCPKTPFLLVGTQIDLRDDPSTIEKLAKNKQKPITPETAEKLARDLKAVKYVEC
SALTQKGLKNVFDEAILAALEPPEPKKSRRCVLL
;
B
#
# COMPACT_ATOMS: atom_id res chain seq x y z
N GLY A 1 -33.49 37.39 4.84
CA GLY A 1 -33.09 37.39 6.23
C GLY A 1 -32.96 35.98 6.78
N GLU A 2 -34.09 35.35 7.07
CA GLU A 2 -34.11 33.97 7.52
C GLU A 2 -34.11 33.03 6.33
N PHE A 3 -34.44 33.58 5.16
CA PHE A 3 -34.45 32.80 3.92
C PHE A 3 -33.05 32.40 3.47
N ALA A 4 -32.06 33.24 3.78
CA ALA A 4 -30.68 32.91 3.48
C ALA A 4 -30.24 31.73 4.33
N ALA A 5 -30.50 31.84 5.62
CA ALA A 5 -30.23 30.76 6.57
C ALA A 5 -30.92 29.46 6.15
N ALA A 6 -32.15 29.57 5.66
CA ALA A 6 -32.89 28.40 5.20
C ALA A 6 -32.21 27.80 3.97
N ARG A 7 -31.88 28.64 3.00
CA ARG A 7 -31.15 28.21 1.81
C ARG A 7 -29.90 27.43 2.14
N GLU A 8 -29.03 28.01 2.97
CA GLU A 8 -27.81 27.34 3.41
C GLU A 8 -28.14 26.00 4.07
N SER A 9 -29.10 26.06 4.99
CA SER A 9 -29.53 24.91 5.77
C SER A 9 -29.90 23.72 4.90
N GLU A 10 -30.65 23.98 3.83
CA GLU A 10 -31.05 22.91 2.92
C GLU A 10 -29.89 22.48 2.03
N ARG A 11 -29.06 23.46 1.66
CA ARG A 11 -27.88 23.20 0.84
C ARG A 11 -26.97 22.17 1.50
N GLN A 12 -26.90 22.21 2.82
CA GLN A 12 -26.12 21.22 3.56
C GLN A 12 -26.73 19.81 3.48
N LEU A 13 -28.05 19.75 3.63
CA LEU A 13 -28.77 18.49 3.57
C LEU A 13 -28.58 17.81 2.23
N ARG A 14 -28.60 18.59 1.15
CA ARG A 14 -28.31 18.05 -0.18
C ARG A 14 -27.01 17.25 -0.18
N LEU A 15 -25.95 17.86 0.34
CA LEU A 15 -24.64 17.24 0.41
C LEU A 15 -24.65 15.98 1.27
N ARG A 16 -25.29 16.05 2.43
CA ARG A 16 -25.38 14.86 3.29
C ARG A 16 -26.03 13.68 2.56
N LEU A 17 -27.11 13.98 1.85
CA LEU A 17 -27.79 12.99 1.02
C LEU A 17 -26.86 12.45 -0.05
N CYS A 18 -26.04 13.32 -0.62
CA CYS A 18 -25.06 12.90 -1.61
C CYS A 18 -24.11 11.86 -0.99
N VAL A 19 -23.62 12.15 0.20
CA VAL A 19 -22.74 11.23 0.93
C VAL A 19 -23.38 9.86 1.16
N LEU A 20 -24.57 9.87 1.76
CA LEU A 20 -25.28 8.61 2.05
C LEU A 20 -25.48 7.80 0.77
N ASN A 21 -25.95 8.47 -0.27
CA ASN A 21 -26.19 7.83 -1.56
C ASN A 21 -24.93 7.22 -2.17
N GLU A 22 -23.80 7.94 -2.04
CA GLU A 22 -22.54 7.42 -2.56
C GLU A 22 -22.15 6.17 -1.81
N ILE A 23 -22.30 6.19 -0.49
CA ILE A 23 -22.01 5.02 0.34
C ILE A 23 -22.81 3.80 -0.13
N LEU A 24 -24.12 3.97 -0.18
CA LEU A 24 -25.02 2.88 -0.56
C LEU A 24 -24.70 2.32 -1.96
N GLY A 25 -24.62 3.22 -2.94
CA GLY A 25 -24.36 2.83 -4.31
C GLY A 25 -23.03 2.12 -4.51
N THR A 26 -21.95 2.73 -4.00
CA THR A 26 -20.64 2.11 -4.09
C THR A 26 -20.61 0.75 -3.40
N GLU A 27 -21.40 0.62 -2.33
CA GLU A 27 -21.52 -0.68 -1.68
C GLU A 27 -22.16 -1.69 -2.62
N ARG A 28 -23.27 -1.30 -3.23
CA ARG A 28 -23.95 -2.17 -4.20
C ARG A 28 -23.00 -2.62 -5.31
N ASP A 29 -22.24 -1.65 -5.85
CA ASP A 29 -21.28 -1.94 -6.91
C ASP A 29 -20.20 -2.91 -6.47
N TYR A 30 -19.69 -2.71 -5.26
CA TYR A 30 -18.67 -3.58 -4.68
C TYR A 30 -19.17 -5.03 -4.56
N VAL A 31 -20.36 -5.16 -3.97
CA VAL A 31 -20.99 -6.48 -3.82
C VAL A 31 -21.19 -7.12 -5.18
N GLY A 32 -21.63 -6.33 -6.14
CA GLY A 32 -21.80 -6.79 -7.51
C GLY A 32 -20.52 -7.34 -8.09
N THR A 33 -19.42 -6.62 -7.87
CA THR A 33 -18.11 -7.05 -8.35
C THR A 33 -17.72 -8.40 -7.75
N LEU A 34 -17.80 -8.52 -6.43
CA LEU A 34 -17.47 -9.77 -5.77
C LEU A 34 -18.33 -10.93 -6.28
N ARG A 35 -19.62 -10.63 -6.50
CA ARG A 35 -20.55 -11.60 -7.02
C ARG A 35 -20.14 -12.07 -8.41
N PHE A 36 -19.68 -11.13 -9.23
CA PHE A 36 -19.18 -11.48 -10.55
C PHE A 36 -17.98 -12.40 -10.43
N LEU A 37 -17.07 -12.06 -9.51
CA LEU A 37 -15.89 -12.90 -9.27
C LEU A 37 -16.29 -14.33 -8.91
N GLN A 38 -17.32 -14.48 -8.09
CA GLN A 38 -17.79 -15.81 -7.71
C GLN A 38 -18.43 -16.56 -8.88
N SER A 39 -19.40 -15.93 -9.52
CA SER A 39 -20.21 -16.61 -10.54
C SER A 39 -19.45 -16.91 -11.82
N ALA A 40 -18.67 -15.94 -12.30
CA ALA A 40 -17.99 -16.08 -13.58
C ALA A 40 -16.81 -17.05 -13.54
N PHE A 41 -16.10 -17.06 -12.42
CA PHE A 41 -14.88 -17.86 -12.32
C PHE A 41 -15.04 -19.12 -11.48
N LEU A 42 -15.33 -18.93 -10.19
CA LEU A 42 -15.41 -20.04 -9.24
C LEU A 42 -16.46 -21.08 -9.62
N HIS A 43 -17.67 -20.62 -9.88
CA HIS A 43 -18.77 -21.50 -10.27
C HIS A 43 -18.42 -22.28 -11.54
N ARG A 44 -17.69 -21.65 -12.44
CA ARG A 44 -17.35 -22.27 -13.71
C ARG A 44 -16.33 -23.40 -13.54
N ILE A 45 -15.26 -23.13 -12.79
CA ILE A 45 -14.24 -24.15 -12.55
C ILE A 45 -14.78 -25.26 -11.65
N ARG A 46 -15.75 -24.93 -10.82
CA ARG A 46 -16.38 -25.94 -9.97
C ARG A 46 -17.33 -26.82 -10.77
N GLN A 47 -17.96 -26.23 -11.79
CA GLN A 47 -18.87 -26.97 -12.67
C GLN A 47 -18.17 -28.17 -13.31
N ASN A 48 -16.92 -27.96 -13.72
CA ASN A 48 -16.11 -29.03 -14.30
C ASN A 48 -14.65 -28.86 -13.91
N VAL A 49 -14.22 -29.67 -12.95
CA VAL A 49 -12.85 -29.58 -12.44
C VAL A 49 -11.87 -30.25 -13.40
N ALA A 50 -12.38 -31.15 -14.24
CA ALA A 50 -11.55 -31.87 -15.19
C ALA A 50 -10.90 -30.91 -16.17
N ASP A 51 -11.70 -30.02 -16.74
CA ASP A 51 -11.20 -29.04 -17.70
C ASP A 51 -10.20 -28.09 -17.06
N SER A 52 -10.54 -27.57 -15.89
CA SER A 52 -9.68 -26.65 -15.18
C SER A 52 -8.32 -27.28 -14.89
N VAL A 53 -8.33 -28.49 -14.34
CA VAL A 53 -7.09 -29.20 -14.01
C VAL A 53 -6.26 -29.53 -15.25
N GLU A 54 -6.92 -30.09 -16.27
CA GLU A 54 -6.25 -30.47 -17.51
C GLU A 54 -5.61 -29.27 -18.21
N LYS A 55 -6.34 -28.16 -18.24
CA LYS A 55 -5.85 -26.97 -18.94
C LYS A 55 -4.86 -26.17 -18.09
N GLY A 56 -4.60 -26.64 -16.88
CA GLY A 56 -3.54 -26.08 -16.06
C GLY A 56 -3.94 -25.33 -14.80
N LEU A 57 -5.04 -25.73 -14.18
CA LEU A 57 -5.49 -25.09 -12.95
C LEU A 57 -5.72 -26.09 -11.83
N THR A 58 -4.68 -26.36 -11.05
CA THR A 58 -4.82 -27.20 -9.87
C THR A 58 -5.57 -26.44 -8.78
N GLU A 59 -6.18 -27.17 -7.86
CA GLU A 59 -7.00 -26.56 -6.81
C GLU A 59 -6.14 -25.69 -5.90
N GLU A 60 -4.87 -26.04 -5.75
CA GLU A 60 -3.91 -25.23 -5.03
C GLU A 60 -3.89 -23.80 -5.58
N ASN A 61 -3.85 -23.71 -6.90
CA ASN A 61 -3.81 -22.42 -7.58
C ASN A 61 -5.05 -21.59 -7.32
N VAL A 62 -6.22 -22.19 -7.47
CA VAL A 62 -7.49 -21.51 -7.19
C VAL A 62 -7.53 -21.00 -5.75
N LYS A 63 -7.19 -21.91 -4.84
CA LYS A 63 -7.16 -21.63 -3.41
C LYS A 63 -6.27 -20.44 -3.06
N VAL A 64 -5.07 -20.41 -3.64
CA VAL A 64 -4.13 -19.31 -3.39
C VAL A 64 -4.60 -18.01 -4.06
N LEU A 65 -5.08 -18.13 -5.29
CA LEU A 65 -5.52 -16.98 -6.08
C LEU A 65 -6.65 -16.21 -5.42
N PHE A 66 -7.76 -16.89 -5.14
CA PHE A 66 -8.97 -16.21 -4.70
C PHE A 66 -9.03 -15.99 -3.20
N SER A 67 -8.17 -16.66 -2.46
CA SER A 67 -8.07 -16.51 -1.00
C SER A 67 -9.42 -16.75 -0.32
N ASN A 68 -9.79 -15.84 0.59
CA ASN A 68 -11.06 -15.95 1.29
C ASN A 68 -12.05 -14.89 0.82
N ILE A 69 -12.09 -14.68 -0.49
CA ILE A 69 -12.92 -13.64 -1.09
C ILE A 69 -14.42 -13.89 -0.86
N GLU A 70 -14.80 -15.15 -0.79
CA GLU A 70 -16.20 -15.53 -0.64
C GLU A 70 -16.70 -15.21 0.76
N ASP A 71 -15.81 -15.27 1.74
CA ASP A 71 -16.16 -14.92 3.11
C ASP A 71 -16.40 -13.42 3.21
N ILE A 72 -15.51 -12.64 2.60
CA ILE A 72 -15.67 -11.19 2.48
C ILE A 72 -17.01 -10.86 1.83
N LEU A 73 -17.34 -11.58 0.76
CA LEU A 73 -18.61 -11.43 0.08
C LEU A 73 -19.78 -11.70 1.02
N GLU A 74 -19.70 -12.81 1.75
CA GLU A 74 -20.75 -13.19 2.70
C GLU A 74 -20.94 -12.12 3.77
N VAL A 75 -19.86 -11.46 4.13
CA VAL A 75 -19.93 -10.35 5.09
C VAL A 75 -20.65 -9.15 4.47
N HIS A 76 -20.28 -8.82 3.24
CA HIS A 76 -20.81 -7.62 2.60
C HIS A 76 -22.24 -7.76 2.06
N LYS A 77 -22.72 -8.98 1.92
CA LYS A 77 -24.12 -9.21 1.59
C LYS A 77 -24.96 -8.74 2.77
N ASP A 78 -24.58 -9.20 3.95
CA ASP A 78 -25.25 -8.85 5.20
C ASP A 78 -25.10 -7.36 5.49
N PHE A 79 -23.89 -6.84 5.29
CA PHE A 79 -23.63 -5.43 5.55
C PHE A 79 -24.45 -4.52 4.62
N LEU A 80 -24.46 -4.89 3.34
CA LEU A 80 -25.27 -4.15 2.37
C LEU A 80 -26.74 -4.21 2.76
N ALA A 81 -27.21 -5.40 3.13
CA ALA A 81 -28.60 -5.57 3.55
C ALA A 81 -28.94 -4.67 4.74
N ALA A 82 -28.01 -4.58 5.69
CA ALA A 82 -28.15 -3.69 6.82
C ALA A 82 -28.27 -2.24 6.38
N LEU A 83 -27.44 -1.87 5.40
CA LEU A 83 -27.47 -0.51 4.87
C LEU A 83 -28.81 -0.19 4.18
N GLU A 84 -29.30 -1.13 3.38
CA GLU A 84 -30.58 -1.00 2.70
C GLU A 84 -31.69 -0.86 3.74
N TYR A 85 -31.56 -1.59 4.83
CA TYR A 85 -32.54 -1.56 5.90
C TYR A 85 -32.54 -0.20 6.59
N CYS A 86 -31.35 0.32 6.87
CA CYS A 86 -31.23 1.60 7.56
C CYS A 86 -31.63 2.77 6.68
N LEU A 87 -31.35 2.66 5.39
CA LEU A 87 -31.67 3.73 4.45
C LEU A 87 -32.94 3.40 3.66
N HIS A 88 -34.02 3.11 4.38
CA HIS A 88 -35.29 2.71 3.77
C HIS A 88 -36.26 3.86 3.60
N PRO A 89 -36.72 4.10 2.35
CA PRO A 89 -36.35 3.36 1.13
C PRO A 89 -35.12 3.96 0.46
N GLU A 90 -34.91 5.25 0.66
CA GLU A 90 -33.76 5.97 0.12
C GLU A 90 -33.17 6.85 1.21
N PRO A 91 -31.88 7.22 1.10
CA PRO A 91 -31.25 8.11 2.08
C PRO A 91 -32.04 9.37 2.39
N GLN A 92 -32.34 9.57 3.66
CA GLN A 92 -33.04 10.76 4.14
C GLN A 92 -32.15 11.47 5.15
N SER A 93 -32.44 12.74 5.41
CA SER A 93 -31.59 13.57 6.26
C SER A 93 -31.44 13.06 7.68
N GLN A 94 -32.52 12.51 8.24
CA GLN A 94 -32.54 12.09 9.64
C GLN A 94 -32.05 10.66 9.83
N HIS A 95 -31.80 9.97 8.72
CA HIS A 95 -31.24 8.61 8.78
C HIS A 95 -29.88 8.63 9.47
N GLU A 96 -29.62 7.61 10.28
CA GLU A 96 -28.36 7.53 11.01
C GLU A 96 -27.62 6.22 10.74
N LEU A 97 -26.46 6.34 10.10
CA LEU A 97 -25.72 5.16 9.65
C LEU A 97 -24.70 4.62 10.65
N GLY A 98 -24.04 5.51 11.39
CA GLY A 98 -22.92 5.15 12.25
C GLY A 98 -23.03 3.84 13.00
N ASN A 99 -24.24 3.53 13.47
CA ASN A 99 -24.50 2.29 14.19
C ASN A 99 -24.36 1.04 13.32
N VAL A 100 -24.65 1.16 12.03
CA VAL A 100 -24.52 0.01 11.15
C VAL A 100 -23.05 -0.26 10.83
N PHE A 101 -22.23 0.78 10.94
CA PHE A 101 -20.79 0.64 10.80
C PHE A 101 -20.21 0.03 12.06
N LEU A 102 -20.69 0.51 13.21
CA LEU A 102 -20.24 0.01 14.49
C LEU A 102 -20.62 -1.45 14.71
N LYS A 103 -21.80 -1.83 14.25
CA LYS A 103 -22.32 -3.19 14.42
C LYS A 103 -21.49 -4.20 13.64
N PHE A 104 -20.83 -3.73 12.58
CA PHE A 104 -20.12 -4.62 11.66
C PHE A 104 -18.61 -4.50 11.74
N LYS A 105 -18.10 -3.80 12.75
CA LYS A 105 -16.66 -3.55 12.84
C LYS A 105 -15.85 -4.85 12.94
N ASP A 106 -16.12 -5.65 13.97
CA ASP A 106 -15.36 -6.87 14.22
C ASP A 106 -15.62 -7.93 13.15
N LYS A 107 -16.55 -7.65 12.25
CA LYS A 107 -16.84 -8.54 11.14
C LYS A 107 -15.81 -8.36 10.02
N PHE A 108 -15.18 -7.20 9.96
CA PHE A 108 -14.31 -6.85 8.84
C PHE A 108 -12.91 -7.48 8.91
N CYS A 109 -12.57 -8.05 10.07
CA CYS A 109 -11.25 -8.65 10.26
C CYS A 109 -10.90 -9.70 9.20
N VAL A 110 -11.95 -10.22 8.55
CA VAL A 110 -11.81 -11.17 7.45
C VAL A 110 -10.82 -10.69 6.38
N TYR A 111 -10.73 -9.38 6.21
CA TYR A 111 -9.83 -8.79 5.22
C TYR A 111 -8.36 -9.09 5.49
N GLU A 112 -8.01 -9.23 6.77
CA GLU A 112 -6.63 -9.46 7.19
C GLU A 112 -5.98 -10.66 6.49
N GLU A 113 -6.76 -11.72 6.31
CA GLU A 113 -6.27 -12.91 5.62
C GLU A 113 -6.06 -12.66 4.13
N TYR A 114 -6.97 -11.90 3.53
CA TYR A 114 -6.93 -11.65 2.09
C TYR A 114 -5.68 -10.86 1.68
N CYS A 115 -5.55 -9.64 2.20
CA CYS A 115 -4.46 -8.74 1.85
C CYS A 115 -3.09 -9.40 1.99
N SER A 116 -2.83 -9.98 3.16
CA SER A 116 -1.59 -10.70 3.43
C SER A 116 -1.28 -11.74 2.36
N ASN A 117 -2.32 -12.41 1.87
CA ASN A 117 -2.15 -13.44 0.86
C ASN A 117 -2.05 -12.88 -0.55
N HIS A 118 -2.64 -11.70 -0.74
CA HIS A 118 -2.75 -11.11 -2.07
C HIS A 118 -1.41 -10.98 -2.78
N GLU A 119 -0.38 -10.57 -2.03
CA GLU A 119 0.96 -10.39 -2.57
C GLU A 119 1.46 -11.66 -3.25
N LYS A 120 1.09 -12.80 -2.69
CA LYS A 120 1.42 -14.08 -3.30
C LYS A 120 0.53 -14.34 -4.50
N ALA A 121 -0.77 -14.08 -4.32
CA ALA A 121 -1.78 -14.38 -5.34
C ALA A 121 -1.39 -13.83 -6.70
N LEU A 122 -1.22 -12.52 -6.77
CA LEU A 122 -0.82 -11.86 -8.01
C LEU A 122 0.49 -12.46 -8.55
N ARG A 123 1.44 -12.72 -7.65
CA ARG A 123 2.72 -13.28 -8.06
C ARG A 123 2.55 -14.67 -8.63
N LEU A 124 1.54 -15.39 -8.14
CA LEU A 124 1.17 -16.68 -8.72
C LEU A 124 0.52 -16.45 -10.08
N LEU A 125 -0.38 -15.47 -10.14
CA LEU A 125 -1.13 -15.16 -11.34
C LEU A 125 -0.24 -14.95 -12.56
N VAL A 126 0.78 -14.10 -12.39
CA VAL A 126 1.73 -13.79 -13.46
C VAL A 126 2.34 -15.07 -14.05
N GLU A 127 2.55 -16.07 -13.21
CA GLU A 127 3.06 -17.36 -13.67
C GLU A 127 2.01 -18.06 -14.53
N LEU A 128 0.80 -18.16 -14.00
CA LEU A 128 -0.29 -18.87 -14.66
C LEU A 128 -0.63 -18.26 -16.02
N ASN A 129 -0.44 -16.96 -16.14
CA ASN A 129 -0.69 -16.27 -17.40
C ASN A 129 0.29 -16.68 -18.49
N LYS A 130 1.49 -17.10 -18.10
CA LYS A 130 2.50 -17.48 -19.08
C LYS A 130 2.13 -18.82 -19.72
N ILE A 131 1.38 -19.64 -18.99
CA ILE A 131 0.81 -20.86 -19.54
C ILE A 131 -0.31 -20.49 -20.53
N PRO A 132 -0.23 -21.00 -21.76
CA PRO A 132 -1.19 -20.63 -22.81
C PRO A 132 -2.64 -20.96 -22.46
N THR A 133 -2.91 -22.23 -22.17
CA THR A 133 -4.28 -22.69 -21.93
C THR A 133 -4.88 -22.09 -20.66
N VAL A 134 -4.04 -21.77 -19.69
CA VAL A 134 -4.52 -21.18 -18.45
C VAL A 134 -4.98 -19.74 -18.69
N ARG A 135 -4.14 -18.95 -19.34
CA ARG A 135 -4.48 -17.59 -19.72
C ARG A 135 -5.73 -17.58 -20.59
N ALA A 136 -5.76 -18.46 -21.59
CA ALA A 136 -6.91 -18.58 -22.48
C ALA A 136 -8.18 -18.92 -21.71
N PHE A 137 -8.05 -19.81 -20.72
CA PHE A 137 -9.16 -20.19 -19.86
C PHE A 137 -9.69 -18.99 -19.07
N LEU A 138 -8.76 -18.26 -18.47
CA LEU A 138 -9.10 -17.10 -17.65
C LEU A 138 -9.70 -15.97 -18.47
N LEU A 139 -9.39 -15.93 -19.76
CA LEU A 139 -10.02 -14.98 -20.65
C LEU A 139 -11.42 -15.47 -21.02
N SER A 140 -11.52 -16.78 -21.24
CA SER A 140 -12.78 -17.43 -21.59
C SER A 140 -13.83 -17.20 -20.51
N CYS A 141 -13.41 -17.25 -19.26
CA CYS A 141 -14.32 -17.00 -18.15
C CYS A 141 -14.86 -15.56 -18.20
N MET A 142 -13.99 -14.63 -18.55
CA MET A 142 -14.39 -13.23 -18.69
C MET A 142 -15.36 -13.04 -19.84
N LEU A 143 -15.12 -13.73 -20.95
CA LEU A 143 -15.96 -13.59 -22.13
C LEU A 143 -17.34 -14.21 -21.92
N LEU A 144 -17.38 -15.39 -21.32
CA LEU A 144 -18.64 -16.08 -21.04
C LEU A 144 -19.41 -15.40 -19.91
N GLY A 145 -18.74 -14.49 -19.21
CA GLY A 145 -19.37 -13.70 -18.17
C GLY A 145 -20.04 -12.47 -18.73
N GLY A 146 -19.92 -12.29 -20.05
CA GLY A 146 -20.57 -11.18 -20.74
C GLY A 146 -19.71 -9.94 -20.87
N ARG A 147 -18.65 -9.86 -20.07
CA ARG A 147 -17.79 -8.68 -20.07
C ARG A 147 -16.64 -8.81 -21.05
N LYS A 148 -15.99 -7.69 -21.35
CA LYS A 148 -15.12 -7.60 -22.53
C LYS A 148 -13.64 -7.78 -22.24
N THR A 149 -12.85 -7.81 -23.32
CA THR A 149 -11.40 -7.97 -23.23
C THR A 149 -10.73 -6.66 -22.83
N THR A 150 -11.16 -5.56 -23.44
CA THR A 150 -10.65 -4.24 -23.10
C THR A 150 -10.99 -3.89 -21.66
N ASP A 151 -12.10 -4.42 -21.18
CA ASP A 151 -12.56 -4.17 -19.81
C ASP A 151 -11.53 -4.65 -18.79
N ILE A 152 -11.62 -4.11 -17.57
CA ILE A 152 -10.69 -4.44 -16.49
C ILE A 152 -10.57 -5.94 -16.26
N PRO A 153 -9.32 -6.44 -16.30
CA PRO A 153 -9.03 -7.88 -16.16
C PRO A 153 -9.22 -8.42 -14.75
N LEU A 154 -8.87 -9.69 -14.55
CA LEU A 154 -9.07 -10.38 -13.28
C LEU A 154 -8.27 -9.71 -12.16
N GLU A 155 -7.07 -9.26 -12.51
CA GLU A 155 -6.14 -8.66 -11.55
C GLU A 155 -6.76 -7.53 -10.74
N GLY A 156 -7.39 -6.59 -11.43
CA GLY A 156 -8.04 -5.46 -10.77
C GLY A 156 -9.17 -5.87 -9.86
N TYR A 157 -9.96 -6.83 -10.33
CA TYR A 157 -11.09 -7.34 -9.55
C TYR A 157 -10.59 -8.00 -8.28
N LEU A 158 -9.44 -8.66 -8.36
CA LEU A 158 -8.81 -9.22 -7.19
C LEU A 158 -8.23 -8.13 -6.30
N LEU A 159 -7.86 -7.00 -6.91
CA LEU A 159 -7.28 -5.90 -6.16
C LEU A 159 -8.34 -5.13 -5.37
N SER A 160 -9.58 -5.17 -5.86
CA SER A 160 -10.65 -4.31 -5.35
C SER A 160 -10.89 -4.24 -3.83
N PRO A 161 -10.74 -5.36 -3.09
CA PRO A 161 -11.04 -5.23 -1.65
C PRO A 161 -10.13 -4.28 -0.89
N ILE A 162 -8.83 -4.32 -1.17
CA ILE A 162 -7.87 -3.48 -0.47
C ILE A 162 -8.13 -2.00 -0.76
N GLN A 163 -8.76 -1.73 -1.90
CA GLN A 163 -9.14 -0.37 -2.24
C GLN A 163 -10.41 0.00 -1.48
N ARG A 164 -11.35 -0.94 -1.45
CA ARG A 164 -12.65 -0.73 -0.85
C ARG A 164 -12.57 -0.43 0.64
N ILE A 165 -11.85 -1.26 1.37
CA ILE A 165 -11.81 -1.15 2.83
C ILE A 165 -11.16 0.16 3.30
N CYS A 166 -10.32 0.75 2.45
CA CYS A 166 -9.59 1.96 2.82
C CYS A 166 -10.38 3.23 2.51
N LYS A 167 -11.56 3.07 1.91
CA LYS A 167 -12.33 4.22 1.44
C LYS A 167 -13.46 4.59 2.40
N TYR A 168 -13.88 3.63 3.22
CA TYR A 168 -14.92 3.89 4.21
C TYR A 168 -14.60 5.05 5.15
N PRO A 169 -13.35 5.15 5.66
CA PRO A 169 -13.06 6.30 6.52
C PRO A 169 -13.23 7.65 5.85
N LEU A 170 -12.90 7.76 4.56
CA LEU A 170 -13.07 9.03 3.85
C LEU A 170 -14.54 9.41 3.79
N LEU A 171 -15.34 8.44 3.34
CA LEU A 171 -16.79 8.56 3.33
C LEU A 171 -17.32 9.04 4.68
N LEU A 172 -16.77 8.47 5.75
CA LEU A 172 -17.23 8.77 7.10
C LEU A 172 -16.76 10.15 7.57
N LYS A 173 -15.64 10.62 7.03
CA LYS A 173 -15.16 11.95 7.39
C LYS A 173 -16.01 13.00 6.69
N GLU A 174 -16.35 12.76 5.43
CA GLU A 174 -17.25 13.67 4.73
C GLU A 174 -18.63 13.65 5.37
N LEU A 175 -19.04 12.47 5.82
CA LEU A 175 -20.34 12.32 6.47
C LEU A 175 -20.38 13.05 7.81
N ALA A 176 -19.32 12.90 8.59
CA ALA A 176 -19.19 13.60 9.87
C ALA A 176 -19.13 15.11 9.62
N LYS A 177 -18.60 15.47 8.46
CA LYS A 177 -18.54 16.87 8.06
C LYS A 177 -19.95 17.42 7.79
N ARG A 178 -20.77 16.64 7.08
CA ARG A 178 -22.10 17.11 6.70
C ARG A 178 -23.14 16.86 7.79
N THR A 179 -22.73 16.23 8.88
CA THR A 179 -23.63 15.95 9.99
C THR A 179 -23.55 17.06 11.02
N PRO A 180 -24.70 17.71 11.31
CA PRO A 180 -24.79 18.77 12.32
C PRO A 180 -24.39 18.29 13.70
N GLY A 181 -24.01 19.21 14.58
CA GLY A 181 -23.52 18.86 15.90
C GLY A 181 -24.54 18.17 16.77
N LYS A 182 -25.77 18.68 16.77
CA LYS A 182 -26.81 18.16 17.64
C LYS A 182 -27.60 17.03 16.98
N HIS A 183 -27.19 16.65 15.78
CA HIS A 183 -27.80 15.54 15.07
C HIS A 183 -27.54 14.25 15.85
N PRO A 184 -28.57 13.40 16.00
CA PRO A 184 -28.44 12.17 16.78
C PRO A 184 -27.37 11.21 16.25
N ASP A 185 -27.04 11.34 14.97
CA ASP A 185 -26.10 10.42 14.34
C ASP A 185 -24.65 10.80 14.62
N HIS A 186 -24.41 12.11 14.75
CA HIS A 186 -23.08 12.70 14.91
C HIS A 186 -22.07 11.88 15.75
N PRO A 187 -22.39 11.56 17.02
CA PRO A 187 -21.39 10.82 17.79
C PRO A 187 -21.14 9.43 17.24
N ALA A 188 -22.20 8.77 16.78
CA ALA A 188 -22.10 7.44 16.20
C ALA A 188 -21.23 7.47 14.94
N VAL A 189 -21.31 8.58 14.21
CA VAL A 189 -20.51 8.76 13.02
C VAL A 189 -19.05 8.90 13.37
N GLN A 190 -18.74 9.76 14.34
CA GLN A 190 -17.36 9.92 14.79
C GLN A 190 -16.78 8.57 15.24
N SER A 191 -17.50 7.89 16.12
CA SER A 191 -17.10 6.58 16.62
C SER A 191 -16.86 5.58 15.48
N ALA A 192 -17.80 5.54 14.53
CA ALA A 192 -17.69 4.64 13.39
C ALA A 192 -16.44 4.94 12.58
N LEU A 193 -16.15 6.22 12.40
CA LEU A 193 -14.93 6.64 11.73
C LEU A 193 -13.71 6.06 12.43
N GLN A 194 -13.61 6.28 13.74
CA GLN A 194 -12.47 5.77 14.50
C GLN A 194 -12.31 4.25 14.34
N ALA A 195 -13.43 3.54 14.48
CA ALA A 195 -13.43 2.09 14.34
C ALA A 195 -12.91 1.66 12.97
N MET A 196 -13.45 2.28 11.91
CA MET A 196 -13.08 1.91 10.55
C MET A 196 -11.62 2.24 10.23
N LYS A 197 -11.08 3.27 10.87
CA LYS A 197 -9.65 3.56 10.75
C LYS A 197 -8.84 2.46 11.43
N THR A 198 -9.30 2.05 12.61
CA THR A 198 -8.63 1.00 13.37
C THR A 198 -8.57 -0.31 12.59
N VAL A 199 -9.65 -0.60 11.85
CA VAL A 199 -9.70 -1.78 10.99
C VAL A 199 -8.53 -1.81 10.01
N CYS A 200 -8.40 -0.73 9.24
CA CYS A 200 -7.33 -0.59 8.27
C CYS A 200 -5.96 -0.71 8.93
N SER A 201 -5.82 -0.08 10.09
CA SER A 201 -4.57 -0.19 10.85
C SER A 201 -4.22 -1.65 11.13
N ASN A 202 -5.20 -2.40 11.64
CA ASN A 202 -5.02 -3.82 11.94
C ASN A 202 -4.62 -4.64 10.72
N ILE A 203 -5.32 -4.42 9.60
CA ILE A 203 -5.01 -5.09 8.35
C ILE A 203 -3.55 -4.86 7.95
N ASN A 204 -3.19 -3.58 7.88
CA ASN A 204 -1.85 -3.14 7.52
C ASN A 204 -0.75 -3.79 8.38
N GLU A 205 -0.87 -3.63 9.69
CA GLU A 205 0.13 -4.17 10.61
C GLU A 205 0.21 -5.69 10.55
N THR A 206 -0.94 -6.32 10.33
CA THR A 206 -0.98 -7.77 10.16
C THR A 206 -0.11 -8.16 8.98
N LYS A 207 -0.34 -7.52 7.84
CA LYS A 207 0.48 -7.76 6.65
C LYS A 207 1.96 -7.57 6.95
N ARG A 208 2.28 -6.48 7.64
CA ARG A 208 3.67 -6.18 8.01
C ARG A 208 4.34 -7.31 8.80
N GLN A 209 3.76 -7.67 9.93
CA GLN A 209 4.35 -8.70 10.77
C GLN A 209 4.45 -10.03 10.03
N MET A 210 3.43 -10.33 9.22
CA MET A 210 3.48 -11.52 8.37
C MET A 210 4.73 -11.50 7.50
N GLU A 211 4.95 -10.37 6.83
CA GLU A 211 6.11 -10.23 5.95
C GLU A 211 7.44 -10.35 6.71
N LYS A 212 7.49 -9.84 7.93
CA LYS A 212 8.70 -9.98 8.73
C LYS A 212 8.97 -11.45 9.07
N LEU A 213 7.91 -12.15 9.47
CA LEU A 213 8.01 -13.58 9.73
C LEU A 213 8.55 -14.31 8.50
N GLU A 214 7.99 -14.00 7.34
CA GLU A 214 8.42 -14.61 6.08
C GLU A 214 9.88 -14.28 5.76
N ALA A 215 10.32 -13.09 6.17
CA ALA A 215 11.71 -12.71 6.02
C ALA A 215 12.61 -13.63 6.83
N LEU A 216 12.22 -13.87 8.08
CA LEU A 216 12.96 -14.80 8.93
C LEU A 216 13.01 -16.20 8.31
N GLU A 217 11.85 -16.67 7.84
CA GLU A 217 11.75 -17.97 7.17
C GLU A 217 12.73 -18.07 6.01
N GLN A 218 12.73 -17.06 5.16
CA GLN A 218 13.62 -17.00 4.01
C GLN A 218 15.09 -17.08 4.44
N LEU A 219 15.43 -16.26 5.43
CA LEU A 219 16.80 -16.20 5.92
C LEU A 219 17.26 -17.55 6.45
N GLN A 220 16.38 -18.26 7.13
CA GLN A 220 16.71 -19.61 7.59
C GLN A 220 16.85 -20.57 6.42
N SER A 221 16.02 -20.40 5.41
CA SER A 221 16.05 -21.27 4.24
C SER A 221 17.34 -21.07 3.44
N HIS A 222 17.98 -19.92 3.60
CA HIS A 222 19.22 -19.63 2.88
C HIS A 222 20.48 -19.88 3.73
N ILE A 223 20.32 -20.61 4.83
CA ILE A 223 21.47 -20.93 5.68
C ILE A 223 21.60 -22.43 5.88
N GLU A 224 22.77 -22.97 5.54
CA GLU A 224 23.04 -24.39 5.67
C GLU A 224 23.77 -24.72 6.97
N GLY A 225 23.32 -25.77 7.65
CA GLY A 225 23.94 -26.21 8.88
C GLY A 225 23.40 -25.52 10.11
N TRP A 226 22.15 -25.06 10.02
CA TRP A 226 21.50 -24.38 11.15
C TRP A 226 21.36 -25.33 12.34
N GLU A 227 21.61 -24.80 13.53
CA GLU A 227 21.56 -25.58 14.75
C GLU A 227 20.61 -24.98 15.77
N GLY A 228 19.89 -25.84 16.50
CA GLY A 228 18.94 -25.41 17.50
C GLY A 228 17.55 -25.19 16.92
N SER A 229 16.67 -24.59 17.71
CA SER A 229 15.31 -24.31 17.29
C SER A 229 15.28 -23.26 16.17
N ASN A 230 14.19 -23.24 15.41
CA ASN A 230 14.04 -22.31 14.30
C ASN A 230 13.84 -20.87 14.77
N LEU A 231 14.18 -19.93 13.89
CA LEU A 231 13.99 -18.51 14.19
C LEU A 231 12.52 -18.16 14.36
N THR A 232 11.66 -18.85 13.61
CA THR A 232 10.23 -18.59 13.66
C THR A 232 9.61 -18.91 15.02
N ASP A 233 10.27 -19.80 15.76
CA ASP A 233 9.78 -20.19 17.07
C ASP A 233 10.06 -19.12 18.13
N ILE A 234 11.23 -18.51 18.05
CA ILE A 234 11.69 -17.63 19.12
C ILE A 234 12.07 -16.21 18.67
N CYS A 235 11.78 -15.88 17.41
CA CYS A 235 12.07 -14.54 16.92
C CYS A 235 10.90 -13.99 16.11
N THR A 236 10.77 -12.67 16.09
CA THR A 236 9.67 -12.02 15.39
C THR A 236 10.13 -11.19 14.21
N GLN A 237 11.33 -10.62 14.30
CA GLN A 237 11.84 -9.78 13.23
C GLN A 237 13.36 -9.64 13.25
N LEU A 238 13.93 -9.36 12.07
CA LEU A 238 15.35 -9.07 11.96
C LEU A 238 15.60 -7.58 12.15
N LEU A 239 16.51 -7.26 13.05
CA LEU A 239 16.78 -5.87 13.42
C LEU A 239 17.91 -5.25 12.62
N LEU A 240 19.00 -6.00 12.45
CA LEU A 240 20.19 -5.47 11.78
C LEU A 240 21.11 -6.59 11.28
N GLN A 241 21.70 -6.38 10.11
CA GLN A 241 22.68 -7.32 9.58
C GLN A 241 23.88 -6.60 8.97
N GLY A 242 25.02 -7.28 8.94
CA GLY A 242 26.25 -6.70 8.40
C GLY A 242 27.45 -7.61 8.53
N THR A 243 28.57 -7.18 7.97
CA THR A 243 29.80 -7.98 7.98
C THR A 243 30.77 -7.48 9.07
N LEU A 244 31.27 -8.41 9.87
CA LEU A 244 32.21 -8.09 10.93
C LEU A 244 33.40 -9.04 10.91
N LEU A 245 34.52 -8.62 11.50
CA LEU A 245 35.68 -9.50 11.64
C LEU A 245 35.62 -10.17 13.01
N LYS A 246 35.66 -11.50 12.99
CA LYS A 246 35.46 -12.29 14.20
C LYS A 246 36.73 -13.01 14.64
N ILE A 247 37.28 -12.58 15.76
CA ILE A 247 38.46 -13.21 16.32
C ILE A 247 38.08 -14.11 17.50
N SER A 248 38.08 -15.41 17.26
CA SER A 248 37.69 -16.37 18.28
C SER A 248 38.62 -17.58 18.32
N ALA A 249 39.03 -17.94 19.54
CA ALA A 249 39.90 -19.08 19.79
C ALA A 249 41.17 -19.06 18.94
N GLY A 250 41.67 -17.86 18.66
CA GLY A 250 42.88 -17.70 17.88
C GLY A 250 42.60 -17.58 16.39
N ASN A 251 41.36 -17.83 15.99
CA ASN A 251 41.00 -17.77 14.58
C ASN A 251 40.52 -16.39 14.15
N ILE A 252 40.92 -15.98 12.95
CA ILE A 252 40.50 -14.70 12.42
C ILE A 252 39.61 -14.89 11.19
N GLN A 253 38.30 -14.74 11.39
CA GLN A 253 37.35 -15.01 10.32
C GLN A 253 36.39 -13.86 10.09
N GLU A 254 36.23 -13.47 8.83
CA GLU A 254 35.23 -12.48 8.46
C GLU A 254 33.88 -13.16 8.33
N ARG A 255 32.88 -12.65 9.05
CA ARG A 255 31.59 -13.33 9.13
C ARG A 255 30.41 -12.38 8.89
N ALA A 256 29.29 -12.96 8.46
CA ALA A 256 28.05 -12.22 8.29
C ALA A 256 27.21 -12.34 9.57
N PHE A 257 26.92 -11.20 10.19
CA PHE A 257 26.18 -11.18 11.45
C PHE A 257 24.74 -10.74 11.27
N PHE A 258 23.82 -11.45 11.91
CA PHE A 258 22.41 -11.13 11.88
C PHE A 258 21.87 -10.96 13.29
N LEU A 259 21.39 -9.76 13.61
CA LEU A 259 20.80 -9.52 14.93
C LEU A 259 19.28 -9.63 14.88
N PHE A 260 18.76 -10.65 15.56
CA PHE A 260 17.33 -10.83 15.74
C PHE A 260 16.96 -10.50 17.18
N ASP A 261 15.75 -9.99 17.39
CA ASP A 261 15.24 -9.87 18.75
C ASP A 261 15.31 -11.26 19.38
N ASN A 262 15.94 -11.31 20.56
CA ASN A 262 16.19 -12.53 21.36
C ASN A 262 17.54 -13.21 21.08
N LEU A 263 18.12 -13.05 19.88
CA LEU A 263 19.42 -13.68 19.62
C LEU A 263 20.24 -13.12 18.45
N LEU A 264 21.54 -13.44 18.44
CA LEU A 264 22.46 -12.99 17.41
C LEU A 264 23.13 -14.19 16.72
N VAL A 265 23.24 -14.13 15.39
CA VAL A 265 23.81 -15.23 14.62
C VAL A 265 25.01 -14.77 13.79
N TYR A 266 26.02 -15.63 13.65
CA TYR A 266 27.13 -15.35 12.75
C TYR A 266 27.36 -16.53 11.80
N CYS A 267 27.57 -16.21 10.52
CA CYS A 267 27.68 -17.23 9.48
C CYS A 267 28.84 -16.96 8.54
N LYS A 268 29.28 -18.00 7.83
CA LYS A 268 30.32 -17.85 6.82
C LYS A 268 29.69 -17.63 5.45
N ARG A 269 30.06 -16.54 4.81
CA ARG A 269 29.43 -16.16 3.53
C ARG A 269 30.07 -16.88 2.35
N LYS A 270 29.31 -17.77 1.73
CA LYS A 270 29.77 -18.54 0.58
C LYS A 270 29.99 -17.64 -0.64
N SER A 289 22.07 -22.43 -0.80
CA SER A 289 22.24 -21.50 0.31
C SER A 289 23.28 -20.43 -0.01
N LEU A 290 23.22 -19.31 0.72
CA LEU A 290 24.18 -18.24 0.54
C LEU A 290 25.18 -18.20 1.70
N TYR A 291 24.79 -18.78 2.83
CA TYR A 291 25.61 -18.73 4.03
C TYR A 291 25.74 -20.10 4.71
N ILE A 292 26.81 -20.25 5.49
CA ILE A 292 27.01 -21.44 6.30
C ILE A 292 26.96 -21.06 7.77
N PHE A 293 26.08 -21.71 8.53
CA PHE A 293 25.92 -21.40 9.95
C PHE A 293 27.22 -21.64 10.72
N ARG A 294 27.63 -20.62 11.48
CA ARG A 294 28.85 -20.70 12.27
C ARG A 294 28.53 -20.67 13.77
N GLY A 295 27.55 -19.86 14.17
CA GLY A 295 27.16 -19.82 15.57
C GLY A 295 25.97 -18.95 15.94
N ARG A 296 25.39 -19.23 17.10
CA ARG A 296 24.26 -18.47 17.61
C ARG A 296 24.41 -18.17 19.10
N ILE A 297 23.89 -17.02 19.52
CA ILE A 297 23.96 -16.60 20.91
C ILE A 297 22.66 -15.95 21.36
N ASN A 298 22.02 -16.55 22.36
CA ASN A 298 20.84 -15.96 22.98
C ASN A 298 21.22 -14.66 23.68
N THR A 299 20.56 -13.57 23.29
CA THR A 299 20.88 -12.25 23.86
C THR A 299 20.59 -12.17 25.35
N GLU A 300 19.73 -13.07 25.83
CA GLU A 300 19.39 -13.11 27.25
C GLU A 300 20.57 -13.58 28.09
N VAL A 301 21.54 -14.23 27.45
CA VAL A 301 22.76 -14.67 28.13
C VAL A 301 23.99 -14.13 27.41
N MET A 302 23.88 -12.93 26.87
CA MET A 302 24.96 -12.33 26.10
C MET A 302 25.38 -10.97 26.66
N GLU A 303 26.66 -10.83 27.00
CA GLU A 303 27.19 -9.55 27.44
C GLU A 303 28.12 -8.95 26.40
N VAL A 304 27.72 -7.79 25.86
CA VAL A 304 28.54 -7.08 24.88
C VAL A 304 29.28 -5.93 25.55
N GLU A 305 30.61 -6.00 25.51
CA GLU A 305 31.44 -5.00 26.17
C GLU A 305 32.30 -4.22 25.18
N ASN A 306 32.20 -2.90 25.25
CA ASN A 306 32.94 -2.02 24.36
C ASN A 306 34.45 -2.06 24.61
N VAL A 307 35.21 -2.20 23.52
CA VAL A 307 36.67 -2.17 23.60
C VAL A 307 37.20 -0.89 22.97
N GLU A 308 37.92 -0.10 23.78
CA GLU A 308 38.49 1.15 23.30
C GLU A 308 39.50 0.90 22.18
N ASP A 309 39.44 1.74 21.15
CA ASP A 309 40.31 1.58 19.99
C ASP A 309 41.78 1.80 20.34
N GLY A 310 42.61 0.85 19.93
CA GLY A 310 44.03 0.90 20.22
C GLY A 310 44.45 -0.17 21.20
N THR A 311 43.46 -0.81 21.83
CA THR A 311 43.72 -1.85 22.82
C THR A 311 44.18 -3.15 22.16
N ALA A 312 45.17 -3.78 22.77
CA ALA A 312 45.68 -5.06 22.28
C ALA A 312 45.88 -6.05 23.42
N ASP A 313 45.02 -7.06 23.49
CA ASP A 313 45.11 -8.08 24.53
C ASP A 313 45.03 -9.49 23.93
N TYR A 314 44.92 -10.49 24.81
CA TYR A 314 44.95 -11.88 24.38
C TYR A 314 43.68 -12.28 23.61
N HIS A 315 42.59 -11.59 23.90
CA HIS A 315 41.34 -11.81 23.17
C HIS A 315 41.51 -11.46 21.70
N SER A 316 42.25 -10.38 21.44
CA SER A 316 42.51 -9.93 20.08
C SER A 316 43.81 -10.50 19.54
N ASN A 317 44.37 -11.45 20.29
CA ASN A 317 45.64 -12.10 19.94
C ASN A 317 46.81 -11.13 19.82
N GLY A 318 46.63 -9.91 20.34
CA GLY A 318 47.67 -8.90 20.30
C GLY A 318 47.44 -7.87 19.22
N TYR A 319 46.43 -8.09 18.38
CA TYR A 319 46.10 -7.15 17.32
C TYR A 319 45.58 -5.84 17.91
N THR A 320 46.00 -4.72 17.32
CA THR A 320 45.49 -3.42 17.72
C THR A 320 44.06 -3.24 17.22
N VAL A 321 43.20 -2.74 18.11
CA VAL A 321 41.77 -2.69 17.84
C VAL A 321 41.29 -1.32 17.36
N THR A 322 40.48 -1.32 16.31
CA THR A 322 39.72 -0.16 15.90
C THR A 322 38.29 -0.58 15.59
N ASN A 323 37.32 0.13 16.17
CA ASN A 323 35.91 -0.21 16.03
C ASN A 323 35.61 -1.64 16.49
N GLY A 324 36.18 -2.02 17.62
CA GLY A 324 36.04 -3.38 18.11
C GLY A 324 35.42 -3.50 19.48
N TRP A 325 34.95 -4.70 19.80
CA TRP A 325 34.33 -4.98 21.09
C TRP A 325 34.39 -6.48 21.38
N LYS A 326 34.10 -6.85 22.63
CA LYS A 326 34.13 -8.26 23.01
C LYS A 326 32.74 -8.77 23.36
N ILE A 327 32.44 -9.99 22.93
CA ILE A 327 31.14 -10.61 23.18
C ILE A 327 31.29 -11.84 24.07
N HIS A 328 30.40 -11.92 25.06
CA HIS A 328 30.45 -12.96 26.08
C HIS A 328 29.18 -13.79 26.11
N ASN A 329 29.28 -15.05 25.69
CA ASN A 329 28.23 -16.03 25.85
C ASN A 329 28.35 -16.68 27.23
N THR A 330 27.53 -16.22 28.16
CA THR A 330 27.62 -16.63 29.56
C THR A 330 27.24 -18.09 29.75
N ALA A 331 26.33 -18.57 28.91
CA ALA A 331 25.84 -19.94 29.00
C ALA A 331 26.96 -20.95 28.79
N LYS A 332 27.91 -20.60 27.92
CA LYS A 332 29.04 -21.47 27.65
C LYS A 332 30.33 -20.87 28.19
N ASN A 333 30.21 -19.71 28.83
CA ASN A 333 31.35 -18.98 29.39
C ASN A 333 32.42 -18.73 28.32
N LYS A 334 31.97 -18.32 27.14
CA LYS A 334 32.85 -18.16 25.98
C LYS A 334 32.96 -16.69 25.59
N TRP A 335 34.13 -16.31 25.08
CA TRP A 335 34.35 -14.92 24.65
C TRP A 335 34.89 -14.88 23.23
N PHE A 336 34.57 -13.82 22.49
CA PHE A 336 35.25 -13.57 21.22
C PHE A 336 35.13 -12.11 20.78
N VAL A 337 36.04 -11.69 19.90
CA VAL A 337 36.13 -10.28 19.50
C VAL A 337 35.43 -10.01 18.17
N CYS A 338 34.64 -8.94 18.12
CA CYS A 338 34.04 -8.48 16.88
C CYS A 338 34.59 -7.11 16.50
N MET A 339 34.90 -6.93 15.22
CA MET A 339 35.40 -5.63 14.75
C MET A 339 34.71 -5.17 13.48
N ALA A 340 34.61 -3.85 13.33
CA ALA A 340 34.02 -3.23 12.16
C ALA A 340 35.06 -2.44 11.39
N LYS A 341 34.65 -1.85 10.28
CA LYS A 341 35.56 -1.08 9.44
C LYS A 341 35.26 0.41 9.58
N THR A 342 34.01 0.73 9.91
CA THR A 342 33.58 2.10 10.11
C THR A 342 33.03 2.28 11.52
N ALA A 343 33.11 3.50 12.04
CA ALA A 343 32.60 3.81 13.37
C ALA A 343 31.07 3.76 13.37
N GLU A 344 30.48 4.14 12.24
CA GLU A 344 29.04 4.13 12.08
C GLU A 344 28.47 2.73 12.29
N GLU A 345 29.17 1.73 11.77
CA GLU A 345 28.77 0.34 11.92
C GLU A 345 28.75 -0.08 13.39
N LYS A 346 29.82 0.28 14.09
CA LYS A 346 29.93 0.03 15.53
C LYS A 346 28.77 0.65 16.28
N GLN A 347 28.52 1.93 16.03
CA GLN A 347 27.41 2.63 16.66
C GLN A 347 26.08 1.93 16.36
N LYS A 348 25.93 1.50 15.11
CA LYS A 348 24.74 0.79 14.66
C LYS A 348 24.48 -0.46 15.48
N TRP A 349 25.46 -1.35 15.50
CA TRP A 349 25.32 -2.61 16.24
C TRP A 349 25.10 -2.38 17.73
N LEU A 350 25.91 -1.51 18.33
CA LEU A 350 25.78 -1.20 19.75
C LEU A 350 24.37 -0.73 20.09
N ASP A 351 23.92 0.31 19.39
CA ASP A 351 22.59 0.88 19.62
C ASP A 351 21.47 -0.15 19.39
N ALA A 352 21.64 -0.99 18.37
CA ALA A 352 20.64 -2.00 18.05
C ALA A 352 20.51 -3.02 19.17
N ILE A 353 21.65 -3.51 19.65
CA ILE A 353 21.64 -4.46 20.76
C ILE A 353 21.01 -3.81 22.00
N ILE A 354 21.39 -2.56 22.26
CA ILE A 354 20.81 -1.79 23.36
C ILE A 354 19.29 -1.75 23.28
N ARG A 355 18.77 -1.42 22.11
CA ARG A 355 17.33 -1.34 21.89
C ARG A 355 16.65 -2.70 22.10
N GLU A 356 17.28 -3.74 21.57
CA GLU A 356 16.76 -5.09 21.70
C GLU A 356 16.62 -5.48 23.17
N ARG A 357 17.70 -5.31 23.93
CA ARG A 357 17.70 -5.62 25.35
C ARG A 357 16.68 -4.77 26.11
N GLU A 358 16.58 -3.49 25.73
CA GLU A 358 15.64 -2.57 26.35
C GLU A 358 14.19 -3.03 26.17
N GLN A 359 13.88 -3.52 24.97
CA GLN A 359 12.51 -3.91 24.66
C GLN A 359 12.14 -5.30 25.17
N ARG A 360 13.12 -6.19 25.25
CA ARG A 360 12.85 -7.58 25.64
C ARG A 360 12.28 -7.69 27.06
N GLU A 361 12.70 -6.79 27.94
CA GLU A 361 12.26 -6.84 29.33
C GLU A 361 10.78 -6.48 29.48
N SER A 362 10.35 -5.43 28.78
CA SER A 362 8.97 -4.99 28.85
C SER A 362 8.16 -5.58 27.69
N PHE B 3 -7.41 -7.78 -29.57
CA PHE B 3 -6.10 -7.34 -30.03
C PHE B 3 -5.95 -5.82 -29.95
N MET B 4 -6.10 -5.30 -28.74
CA MET B 4 -5.86 -3.89 -28.46
C MET B 4 -5.26 -3.78 -27.07
N GLN B 5 -3.97 -3.45 -27.01
CA GLN B 5 -3.21 -3.53 -25.77
C GLN B 5 -3.69 -2.54 -24.71
N THR B 6 -3.78 -3.02 -23.47
CA THR B 6 -4.26 -2.23 -22.36
C THR B 6 -3.10 -1.61 -21.59
N ILE B 7 -3.27 -0.38 -21.14
CA ILE B 7 -2.24 0.32 -20.37
C ILE B 7 -2.70 0.60 -18.95
N LYS B 8 -1.90 0.20 -17.97
CA LYS B 8 -2.22 0.44 -16.56
C LYS B 8 -1.58 1.73 -16.05
N CYS B 9 -2.43 2.69 -15.71
CA CYS B 9 -1.99 3.96 -15.16
C CYS B 9 -2.38 4.08 -13.70
N VAL B 10 -1.39 4.17 -12.82
CA VAL B 10 -1.66 4.26 -11.38
C VAL B 10 -1.36 5.65 -10.85
N VAL B 11 -2.36 6.28 -10.25
CA VAL B 11 -2.23 7.65 -9.75
C VAL B 11 -1.93 7.68 -8.25
N VAL B 12 -0.75 8.17 -7.89
CA VAL B 12 -0.35 8.25 -6.48
C VAL B 12 -0.06 9.70 -6.08
N GLY B 13 0.09 9.93 -4.78
CA GLY B 13 0.39 11.26 -4.28
C GLY B 13 -0.19 11.53 -2.90
N ASP B 14 0.11 12.71 -2.37
CA ASP B 14 -0.37 13.12 -1.05
C ASP B 14 -1.88 13.11 -0.97
N GLY B 15 -2.41 12.97 0.24
CA GLY B 15 -3.84 13.03 0.44
C GLY B 15 -4.36 14.44 0.20
N ALA B 16 -5.57 14.53 -0.34
CA ALA B 16 -6.26 15.81 -0.56
C ALA B 16 -5.52 16.72 -1.53
N VAL B 17 -4.80 16.13 -2.48
CA VAL B 17 -4.24 16.90 -3.58
C VAL B 17 -5.29 16.98 -4.68
N GLY B 18 -6.23 16.04 -4.64
CA GLY B 18 -7.33 16.01 -5.59
C GLY B 18 -7.10 15.04 -6.73
N LYS B 19 -6.46 13.92 -6.44
CA LYS B 19 -6.21 12.90 -7.46
C LYS B 19 -7.51 12.20 -7.85
N THR B 20 -8.36 11.96 -6.86
CA THR B 20 -9.66 11.36 -7.11
C THR B 20 -10.52 12.29 -7.96
N CYS B 21 -10.57 13.55 -7.55
CA CYS B 21 -11.30 14.58 -8.29
C CYS B 21 -10.77 14.71 -9.71
N LEU B 22 -9.45 14.55 -9.85
CA LEU B 22 -8.79 14.56 -11.15
C LEU B 22 -9.34 13.42 -12.02
N LEU B 23 -9.28 12.20 -11.50
CA LEU B 23 -9.76 11.03 -12.22
C LEU B 23 -11.23 11.12 -12.60
N ILE B 24 -12.06 11.58 -11.66
CA ILE B 24 -13.49 11.72 -11.87
C ILE B 24 -13.79 12.77 -12.95
N SER B 25 -13.08 13.89 -12.87
CA SER B 25 -13.25 14.98 -13.84
C SER B 25 -12.82 14.54 -15.24
N TYR B 26 -11.79 13.72 -15.32
CA TYR B 26 -11.32 13.23 -16.61
C TYR B 26 -12.30 12.21 -17.20
N THR B 27 -12.74 11.28 -16.36
CA THR B 27 -13.60 10.18 -16.82
C THR B 27 -15.00 10.65 -17.21
N THR B 28 -15.64 11.44 -16.35
CA THR B 28 -17.01 11.89 -16.60
C THR B 28 -17.23 13.37 -16.29
N ASN B 29 -18.30 13.91 -16.87
CA ASN B 29 -18.85 15.18 -16.42
C ASN B 29 -20.23 14.93 -15.84
N LYS B 30 -21.14 15.88 -16.01
CA LYS B 30 -22.52 15.75 -15.52
C LYS B 30 -22.60 15.46 -14.03
N PHE B 31 -21.54 15.78 -13.31
CA PHE B 31 -21.62 15.86 -11.87
C PHE B 31 -22.26 17.20 -11.54
N PRO B 32 -23.14 17.23 -10.53
CA PRO B 32 -23.76 18.51 -10.16
C PRO B 32 -22.72 19.52 -9.65
N SER B 33 -21.49 19.05 -9.45
CA SER B 33 -20.31 19.88 -9.27
C SER B 33 -20.21 20.59 -7.92
N GLU B 34 -21.25 20.48 -7.10
CA GLU B 34 -21.17 21.06 -5.76
C GLU B 34 -20.67 20.00 -4.79
N TYR B 35 -20.84 18.74 -5.17
CA TYR B 35 -20.42 17.63 -4.33
C TYR B 35 -19.11 17.04 -4.83
N VAL B 36 -18.24 16.67 -3.90
CA VAL B 36 -16.97 16.04 -4.23
C VAL B 36 -16.99 14.56 -3.87
N PRO B 37 -17.25 13.70 -4.86
CA PRO B 37 -17.25 12.25 -4.66
C PRO B 37 -15.87 11.78 -4.19
N THR B 38 -15.84 10.84 -3.24
CA THR B 38 -14.58 10.40 -2.66
C THR B 38 -14.10 9.09 -3.26
N VAL B 39 -15.00 8.36 -3.90
CA VAL B 39 -14.67 7.04 -4.44
C VAL B 39 -14.56 7.01 -5.95
N PHE B 40 -13.41 6.57 -6.44
CA PHE B 40 -13.21 6.34 -7.86
C PHE B 40 -12.86 4.87 -8.10
N ASP B 41 -13.80 4.13 -8.68
CA ASP B 41 -13.57 2.73 -8.99
C ASP B 41 -12.73 2.59 -10.26
N ASN B 42 -11.91 1.54 -10.32
CA ASN B 42 -11.04 1.28 -11.47
C ASN B 42 -11.79 1.35 -12.80
N TYR B 43 -11.28 2.13 -13.74
CA TYR B 43 -12.06 2.44 -14.94
C TYR B 43 -11.25 2.39 -16.24
N ALA B 44 -11.77 1.66 -17.23
CA ALA B 44 -11.11 1.55 -18.53
C ALA B 44 -11.60 2.63 -19.50
N VAL B 45 -10.66 3.27 -20.18
CA VAL B 45 -10.99 4.36 -21.11
C VAL B 45 -10.28 4.20 -22.44
N THR B 46 -11.06 4.11 -23.52
CA THR B 46 -10.50 3.99 -24.86
C THR B 46 -10.01 5.34 -25.37
N VAL B 47 -8.72 5.42 -25.69
CA VAL B 47 -8.14 6.65 -26.20
C VAL B 47 -7.56 6.46 -27.58
N MET B 48 -7.45 7.54 -28.34
CA MET B 48 -6.88 7.49 -29.67
C MET B 48 -5.49 8.12 -29.70
N ILE B 49 -4.50 7.32 -30.07
CA ILE B 49 -3.12 7.79 -30.20
C ILE B 49 -2.57 7.46 -31.58
N GLY B 50 -2.31 8.50 -32.37
CA GLY B 50 -1.80 8.33 -33.71
C GLY B 50 -2.78 7.62 -34.62
N GLY B 51 -4.06 7.68 -34.25
CA GLY B 51 -5.10 7.00 -35.00
C GLY B 51 -5.31 5.58 -34.52
N GLU B 52 -4.57 5.18 -33.49
CA GLU B 52 -4.70 3.82 -32.96
C GLU B 52 -5.30 3.82 -31.56
N PRO B 53 -6.35 3.02 -31.36
CA PRO B 53 -7.05 2.96 -30.07
C PRO B 53 -6.33 2.11 -29.03
N TYR B 54 -6.29 2.61 -27.79
CA TYR B 54 -5.71 1.88 -26.68
C TYR B 54 -6.65 1.91 -25.48
N THR B 55 -6.51 0.92 -24.59
CA THR B 55 -7.31 0.89 -23.38
C THR B 55 -6.50 1.38 -22.18
N LEU B 56 -6.86 2.56 -21.69
CA LEU B 56 -6.21 3.13 -20.52
C LEU B 56 -6.92 2.70 -19.25
N GLY B 57 -6.28 1.82 -18.48
CA GLY B 57 -6.81 1.40 -17.20
C GLY B 57 -6.45 2.39 -16.12
N LEU B 58 -7.47 2.91 -15.45
CA LEU B 58 -7.28 3.95 -14.44
C LEU B 58 -7.52 3.42 -13.04
N PHE B 59 -6.51 3.61 -12.18
CA PHE B 59 -6.53 3.14 -10.80
C PHE B 59 -6.28 4.28 -9.82
N ASP B 60 -7.05 4.32 -8.75
CA ASP B 60 -6.89 5.36 -7.73
C ASP B 60 -6.27 4.78 -6.45
N THR B 61 -5.58 5.63 -5.70
CA THR B 61 -4.89 5.18 -4.49
C THR B 61 -5.37 5.91 -3.25
N ALA B 62 -6.39 6.74 -3.40
CA ALA B 62 -6.90 7.57 -2.30
C ALA B 62 -7.37 6.74 -1.11
N GLY B 63 -6.96 7.13 0.08
CA GLY B 63 -7.34 6.45 1.30
C GLY B 63 -6.22 5.59 1.86
N GLN B 64 -5.26 5.26 1.01
CA GLN B 64 -4.18 4.36 1.40
C GLN B 64 -2.93 5.11 1.87
N GLU B 65 -3.04 6.43 2.02
CA GLU B 65 -1.90 7.28 2.34
C GLU B 65 -1.14 6.87 3.61
N ASP B 66 -1.88 6.60 4.68
CA ASP B 66 -1.26 6.28 5.96
C ASP B 66 -0.81 4.82 6.06
N TYR B 67 -1.13 4.02 5.05
CA TYR B 67 -0.89 2.58 5.11
C TYR B 67 0.20 2.16 4.13
N ASP B 68 1.45 2.29 4.58
CA ASP B 68 2.63 2.09 3.75
C ASP B 68 2.77 0.65 3.25
N ARG B 69 2.23 -0.29 4.00
CA ARG B 69 2.36 -1.70 3.66
C ARG B 69 1.29 -2.15 2.69
N LEU B 70 0.17 -1.44 2.68
CA LEU B 70 -0.95 -1.76 1.80
C LEU B 70 -0.79 -1.17 0.40
N ARG B 71 -0.18 0.02 0.34
CA ARG B 71 0.00 0.73 -0.94
C ARG B 71 0.69 -0.05 -2.06
N PRO B 72 1.80 -0.77 -1.76
CA PRO B 72 2.50 -1.40 -2.89
C PRO B 72 1.76 -2.60 -3.50
N LEU B 73 0.59 -2.94 -2.96
CA LEU B 73 -0.20 -4.03 -3.51
C LEU B 73 -0.81 -3.65 -4.86
N SER B 74 -0.81 -2.35 -5.16
CA SER B 74 -1.41 -1.84 -6.39
C SER B 74 -0.37 -1.63 -7.48
N TYR B 75 0.90 -1.65 -7.08
CA TYR B 75 2.01 -1.28 -7.98
C TYR B 75 2.43 -2.32 -9.03
N PRO B 76 2.31 -3.63 -8.73
CA PRO B 76 2.66 -4.58 -9.80
C PRO B 76 1.85 -4.40 -11.08
N GLN B 77 2.45 -4.82 -12.20
CA GLN B 77 1.83 -4.79 -13.53
C GLN B 77 1.52 -3.36 -14.02
N THR B 78 2.05 -2.36 -13.32
CA THR B 78 1.80 -0.97 -13.70
C THR B 78 2.61 -0.57 -14.92
N ASP B 79 1.95 0.10 -15.86
CA ASP B 79 2.62 0.54 -17.07
C ASP B 79 3.12 1.97 -16.94
N VAL B 80 2.40 2.80 -16.21
CA VAL B 80 2.82 4.18 -15.99
C VAL B 80 2.24 4.78 -14.70
N PHE B 81 3.05 5.56 -13.99
CA PHE B 81 2.61 6.20 -12.76
C PHE B 81 2.35 7.69 -12.95
N LEU B 82 1.37 8.22 -12.19
CA LEU B 82 1.12 9.64 -12.13
C LEU B 82 1.38 10.13 -10.70
N VAL B 83 2.51 10.80 -10.50
CA VAL B 83 2.84 11.31 -9.17
C VAL B 83 2.34 12.73 -9.00
N CYS B 84 1.28 12.89 -8.21
CA CYS B 84 0.58 14.16 -8.12
C CYS B 84 0.95 14.99 -6.90
N PHE B 85 0.81 16.30 -7.04
CA PHE B 85 1.00 17.24 -5.95
C PHE B 85 0.25 18.52 -6.26
N SER B 86 -0.28 19.18 -5.22
CA SER B 86 -1.00 20.42 -5.41
C SER B 86 -0.04 21.60 -5.50
N VAL B 87 -0.26 22.48 -6.47
CA VAL B 87 0.63 23.61 -6.69
C VAL B 87 0.49 24.67 -5.60
N VAL B 88 -0.58 24.58 -4.83
CA VAL B 88 -0.80 25.51 -3.72
C VAL B 88 -0.47 24.84 -2.38
N SER B 89 0.08 23.64 -2.45
CA SER B 89 0.46 22.90 -1.26
C SER B 89 1.93 22.50 -1.32
N PRO B 90 2.80 23.30 -0.69
CA PRO B 90 4.24 23.02 -0.64
C PRO B 90 4.55 21.68 0.02
N SER B 91 3.71 21.27 0.97
CA SER B 91 3.90 20.02 1.68
C SER B 91 3.83 18.82 0.75
N SER B 92 2.82 18.80 -0.12
CA SER B 92 2.69 17.71 -1.09
C SER B 92 3.87 17.69 -2.04
N PHE B 93 4.25 18.89 -2.51
CA PHE B 93 5.42 19.07 -3.37
C PHE B 93 6.67 18.47 -2.75
N GLU B 94 6.87 18.72 -1.46
CA GLU B 94 8.02 18.16 -0.74
C GLU B 94 7.87 16.65 -0.58
N ASN B 95 6.63 16.21 -0.41
CA ASN B 95 6.34 14.79 -0.20
C ASN B 95 6.59 13.97 -1.46
N VAL B 96 6.52 14.60 -2.63
CA VAL B 96 6.87 13.94 -3.88
C VAL B 96 8.35 13.54 -3.84
N LYS B 97 9.16 14.41 -3.27
CA LYS B 97 10.60 14.20 -3.16
C LYS B 97 10.94 13.24 -2.02
N GLU B 98 10.21 13.36 -0.91
CA GLU B 98 10.57 12.65 0.31
C GLU B 98 9.88 11.28 0.47
N LYS B 99 8.89 10.99 -0.37
CA LYS B 99 8.09 9.79 -0.13
C LYS B 99 7.70 8.99 -1.38
N TRP B 100 7.04 9.64 -2.33
CA TRP B 100 6.37 8.93 -3.42
C TRP B 100 7.30 8.40 -4.50
N VAL B 101 8.09 9.28 -5.09
CA VAL B 101 9.04 8.87 -6.13
C VAL B 101 10.01 7.78 -5.63
N PRO B 102 10.61 7.95 -4.43
CA PRO B 102 11.46 6.85 -3.95
C PRO B 102 10.71 5.52 -3.82
N GLU B 103 9.45 5.56 -3.41
CA GLU B 103 8.66 4.35 -3.23
C GLU B 103 8.37 3.65 -4.56
N ILE B 104 7.76 4.39 -5.49
CA ILE B 104 7.41 3.82 -6.78
C ILE B 104 8.64 3.40 -7.58
N THR B 105 9.76 4.08 -7.36
CA THR B 105 11.00 3.70 -8.03
C THR B 105 11.60 2.47 -7.36
N HIS B 106 11.33 2.31 -6.06
CA HIS B 106 11.81 1.14 -5.34
C HIS B 106 11.05 -0.11 -5.77
N HIS B 107 9.74 0.01 -5.93
CA HIS B 107 8.91 -1.14 -6.28
C HIS B 107 8.90 -1.42 -7.78
N CYS B 108 8.94 -0.36 -8.60
CA CYS B 108 8.98 -0.53 -10.05
C CYS B 108 10.02 0.40 -10.67
N PRO B 109 11.28 -0.06 -10.72
CA PRO B 109 12.44 0.72 -11.16
C PRO B 109 12.39 1.11 -12.65
N LYS B 110 11.85 0.23 -13.48
CA LYS B 110 11.89 0.43 -14.93
C LYS B 110 10.60 1.05 -15.47
N THR B 111 9.61 1.24 -14.61
CA THR B 111 8.33 1.80 -15.01
C THR B 111 8.31 3.33 -14.95
N PRO B 112 7.93 3.98 -16.05
CA PRO B 112 7.92 5.44 -16.16
C PRO B 112 6.85 6.12 -15.31
N PHE B 113 7.13 7.37 -14.91
CA PHE B 113 6.20 8.15 -14.10
C PHE B 113 6.23 9.62 -14.49
N LEU B 114 5.07 10.26 -14.42
CA LEU B 114 4.95 11.68 -14.74
C LEU B 114 4.79 12.51 -13.46
N LEU B 115 5.27 13.74 -13.51
CA LEU B 115 5.07 14.68 -12.41
C LEU B 115 3.85 15.55 -12.69
N VAL B 116 2.80 15.37 -11.89
CA VAL B 116 1.55 16.06 -12.13
C VAL B 116 1.25 17.12 -11.07
N GLY B 117 1.14 18.37 -11.52
CA GLY B 117 0.74 19.47 -10.65
C GLY B 117 -0.74 19.72 -10.80
N THR B 118 -1.45 19.73 -9.67
CA THR B 118 -2.90 19.86 -9.68
C THR B 118 -3.36 21.16 -9.04
N GLN B 119 -4.65 21.46 -9.22
CA GLN B 119 -5.28 22.64 -8.62
C GLN B 119 -4.59 23.94 -9.01
N ILE B 120 -4.27 24.08 -10.30
CA ILE B 120 -3.63 25.28 -10.79
C ILE B 120 -4.58 26.47 -10.74
N ASP B 121 -5.87 26.19 -10.80
CA ASP B 121 -6.91 27.23 -10.76
C ASP B 121 -6.87 28.01 -9.45
N LEU B 122 -6.23 27.44 -8.44
CA LEU B 122 -6.12 28.06 -7.12
C LEU B 122 -4.89 28.94 -7.00
N ARG B 123 -4.10 29.04 -8.07
CA ARG B 123 -2.92 29.88 -8.06
C ARG B 123 -3.29 31.36 -7.94
N ASP B 124 -4.43 31.72 -8.53
CA ASP B 124 -4.88 33.11 -8.53
C ASP B 124 -6.03 33.32 -7.54
N ASP B 125 -6.05 32.52 -6.48
CA ASP B 125 -7.01 32.68 -5.41
C ASP B 125 -6.37 33.49 -4.28
N PRO B 126 -6.80 34.76 -4.12
CA PRO B 126 -6.26 35.68 -3.13
C PRO B 126 -6.32 35.12 -1.71
N SER B 127 -7.38 34.38 -1.41
CA SER B 127 -7.54 33.76 -0.10
C SER B 127 -6.41 32.75 0.15
N THR B 128 -6.20 31.88 -0.83
CA THR B 128 -5.14 30.88 -0.77
C THR B 128 -3.77 31.55 -0.63
N ILE B 129 -3.58 32.62 -1.40
CA ILE B 129 -2.33 33.38 -1.36
C ILE B 129 -2.09 33.97 0.02
N GLU B 130 -3.16 34.43 0.67
CA GLU B 130 -3.08 34.94 2.03
C GLU B 130 -2.71 33.83 3.02
N LYS B 131 -3.42 32.72 2.93
CA LYS B 131 -3.18 31.55 3.77
C LYS B 131 -1.71 31.13 3.71
N LEU B 132 -1.18 31.04 2.50
CA LEU B 132 0.21 30.69 2.30
C LEU B 132 1.14 31.79 2.77
N ALA B 133 0.68 33.03 2.68
CA ALA B 133 1.48 34.19 3.06
C ALA B 133 1.67 34.23 4.57
N LYS B 134 0.72 33.67 5.30
CA LYS B 134 0.85 33.58 6.76
C LYS B 134 2.05 32.74 7.16
N ASN B 135 2.38 31.74 6.33
CA ASN B 135 3.54 30.90 6.57
C ASN B 135 4.76 31.40 5.81
N LYS B 136 4.62 32.59 5.22
CA LYS B 136 5.63 33.15 4.32
C LYS B 136 5.91 32.18 3.18
N GLN B 137 4.86 31.47 2.75
CA GLN B 137 4.97 30.51 1.66
C GLN B 137 4.42 31.10 0.37
N LYS B 138 4.51 30.33 -0.70
CA LYS B 138 3.99 30.72 -2.00
C LYS B 138 3.74 29.47 -2.85
N PRO B 139 2.85 29.57 -3.85
CA PRO B 139 2.54 28.42 -4.72
C PRO B 139 3.76 27.88 -5.47
N ILE B 140 3.60 26.72 -6.08
CA ILE B 140 4.69 26.11 -6.84
C ILE B 140 4.74 26.68 -8.25
N THR B 141 5.90 27.25 -8.61
CA THR B 141 6.11 27.79 -9.94
C THR B 141 6.44 26.65 -10.90
N PRO B 142 5.87 26.67 -12.12
CA PRO B 142 6.15 25.65 -13.13
C PRO B 142 7.64 25.39 -13.32
N GLU B 143 8.44 26.44 -13.17
CA GLU B 143 9.89 26.36 -13.33
C GLU B 143 10.50 25.42 -12.29
N THR B 144 10.16 25.68 -11.02
CA THR B 144 10.66 24.88 -9.90
C THR B 144 10.23 23.42 -10.02
N ALA B 145 8.98 23.22 -10.40
CA ALA B 145 8.44 21.86 -10.54
C ALA B 145 9.12 21.12 -11.68
N GLU B 146 9.44 21.83 -12.76
CA GLU B 146 10.14 21.21 -13.88
C GLU B 146 11.58 20.88 -13.48
N LYS B 147 12.17 21.73 -12.64
CA LYS B 147 13.47 21.44 -12.06
C LYS B 147 13.41 20.14 -11.27
N LEU B 148 12.39 20.01 -10.43
CA LEU B 148 12.18 18.80 -9.65
C LEU B 148 12.00 17.58 -10.56
N ALA B 149 11.21 17.75 -11.61
CA ALA B 149 10.92 16.66 -12.55
C ALA B 149 12.18 16.17 -13.23
N ARG B 150 13.01 17.10 -13.68
CA ARG B 150 14.28 16.76 -14.31
C ARG B 150 15.23 16.09 -13.32
N ASP B 151 15.23 16.56 -12.08
CA ASP B 151 16.10 16.01 -11.05
C ASP B 151 15.74 14.57 -10.69
N LEU B 152 14.44 14.29 -10.56
CA LEU B 152 13.97 12.98 -10.16
C LEU B 152 13.78 12.05 -11.37
N LYS B 153 14.24 12.50 -12.52
CA LYS B 153 14.19 11.72 -13.76
C LYS B 153 12.78 11.31 -14.15
N ALA B 154 11.82 12.18 -13.90
CA ALA B 154 10.47 11.98 -14.40
C ALA B 154 10.46 12.24 -15.90
N VAL B 155 9.51 11.63 -16.61
CA VAL B 155 9.41 11.82 -18.05
C VAL B 155 9.22 13.30 -18.38
N LYS B 156 8.21 13.92 -17.77
CA LYS B 156 8.00 15.36 -17.89
C LYS B 156 7.04 15.86 -16.82
N TYR B 157 6.88 17.18 -16.77
CA TYR B 157 5.99 17.82 -15.80
C TYR B 157 4.72 18.32 -16.48
N VAL B 158 3.57 17.92 -15.95
CA VAL B 158 2.29 18.33 -16.52
C VAL B 158 1.39 18.97 -15.46
N GLU B 159 0.73 20.07 -15.85
CA GLU B 159 -0.21 20.75 -14.97
C GLU B 159 -1.64 20.55 -15.45
N CYS B 160 -2.58 20.61 -14.52
CA CYS B 160 -3.99 20.47 -14.86
C CYS B 160 -4.89 20.98 -13.75
N SER B 161 -6.14 21.28 -14.11
CA SER B 161 -7.15 21.67 -13.15
C SER B 161 -8.41 20.86 -13.39
N ALA B 162 -8.74 19.98 -12.45
CA ALA B 162 -9.93 19.13 -12.58
C ALA B 162 -11.20 19.96 -12.70
N LEU B 163 -11.15 21.16 -12.12
CA LEU B 163 -12.28 22.08 -12.17
C LEU B 163 -12.42 22.70 -13.55
N THR B 164 -11.31 23.21 -14.08
CA THR B 164 -11.31 23.94 -15.34
C THR B 164 -11.10 23.00 -16.53
N GLN B 165 -10.61 21.81 -16.25
CA GLN B 165 -10.24 20.82 -17.27
C GLN B 165 -9.14 21.35 -18.20
N LYS B 166 -8.43 22.35 -17.73
CA LYS B 166 -7.27 22.88 -18.44
C LYS B 166 -6.11 21.88 -18.39
N GLY B 167 -5.73 21.36 -19.55
CA GLY B 167 -4.62 20.45 -19.64
C GLY B 167 -4.88 19.07 -19.05
N LEU B 168 -6.11 18.85 -18.59
CA LEU B 168 -6.47 17.59 -17.94
C LEU B 168 -6.32 16.37 -18.84
N LYS B 169 -6.90 16.45 -20.04
CA LYS B 169 -6.87 15.33 -20.98
C LYS B 169 -5.45 15.07 -21.46
N ASN B 170 -4.72 16.15 -21.71
CA ASN B 170 -3.36 16.07 -22.21
C ASN B 170 -2.42 15.40 -21.22
N VAL B 171 -2.77 15.49 -19.94
CA VAL B 171 -2.01 14.79 -18.90
C VAL B 171 -2.03 13.30 -19.16
N PHE B 172 -3.22 12.75 -19.33
CA PHE B 172 -3.38 11.33 -19.58
C PHE B 172 -2.83 10.93 -20.94
N ASP B 173 -2.99 11.81 -21.93
CA ASP B 173 -2.39 11.57 -23.24
C ASP B 173 -0.88 11.39 -23.12
N GLU B 174 -0.24 12.30 -22.39
CA GLU B 174 1.19 12.22 -22.15
C GLU B 174 1.57 10.99 -21.35
N ALA B 175 0.68 10.58 -20.45
CA ALA B 175 0.90 9.36 -19.66
C ALA B 175 0.97 8.14 -20.58
N ILE B 176 -0.03 8.02 -21.45
CA ILE B 176 -0.07 6.94 -22.42
C ILE B 176 1.15 6.96 -23.32
N LEU B 177 1.53 8.15 -23.76
CA LEU B 177 2.72 8.32 -24.58
C LEU B 177 3.96 7.79 -23.87
N ALA B 178 4.13 8.18 -22.61
CA ALA B 178 5.27 7.74 -21.82
C ALA B 178 5.26 6.22 -21.63
N ALA B 179 4.06 5.66 -21.51
CA ALA B 179 3.92 4.21 -21.39
C ALA B 179 4.32 3.51 -22.68
N LEU B 180 4.10 4.18 -23.81
CA LEU B 180 4.38 3.56 -25.11
C LEU B 180 5.81 3.79 -25.58
N GLU B 181 6.68 4.24 -24.68
CA GLU B 181 8.10 4.41 -25.00
C GLU B 181 8.80 3.06 -25.06
N PRO B 182 9.58 2.83 -26.13
CA PRO B 182 10.34 1.58 -26.30
C PRO B 182 11.37 1.39 -25.20
#